data_9Y1L
#
_entry.id   9Y1L
#
_cell.length_a   76.989
_cell.length_b   76.989
_cell.length_c   45.840
_cell.angle_alpha   90.000
_cell.angle_beta   90.000
_cell.angle_gamma   120.000
#
_symmetry.space_group_name_H-M   'P 31'
#
loop_
_entity.id
_entity.type
_entity.pdbx_description
1 polymer 'Putative restriction endonuclease domain-containing protein'
2 non-polymer 'FORMIC ACID'
3 non-polymer 'MAGNESIUM ION'
4 non-polymer 'CHLORIDE ION'
5 water water
#
_entity_poly.entity_id   1
_entity_poly.type   'polypeptide(L)'
_entity_poly.pdbx_seq_one_letter_code
;MTTVRPKEWTYEEFMALPEGGPLHYEIIDGELTMTPAPNTRHQEISGNLFRIISTFLHGNPGSGKVFSAPTDVILSHDPL
RAVEPDLVFVSKDRLSLIGEKNIEGAPDLLVEILSEGTEKRDRREKFALYERSGVPEYWIVDPDTNTVQVFRLSGNTYQS
PAEFRRQDVLASPLLPGLSIPLSEVFPS
;
_entity_poly.pdbx_strand_id   A,B
#
loop_
_chem_comp.id
_chem_comp.type
_chem_comp.name
_chem_comp.formula
CL non-polymer 'CHLORIDE ION' 'Cl -1'
FMT non-polymer 'FORMIC ACID' 'C H2 O2'
MG non-polymer 'MAGNESIUM ION' 'Mg 2'
#
# COMPACT_ATOMS: atom_id res chain seq x y z
N PRO A 38 -5.85 10.72 0.69
CA PRO A 38 -5.18 11.41 -0.42
C PRO A 38 -5.88 11.17 -1.75
N ASN A 39 -5.61 12.03 -2.73
CA ASN A 39 -6.26 11.89 -4.01
C ASN A 39 -5.73 10.66 -4.75
N THR A 40 -6.38 10.30 -5.85
CA THR A 40 -6.08 9.02 -6.47
C THR A 40 -4.71 9.01 -7.13
N ARG A 41 -4.27 10.14 -7.70
CA ARG A 41 -2.93 10.18 -8.29
C ARG A 41 -1.86 10.02 -7.23
N HIS A 42 -2.12 10.55 -6.03
CA HIS A 42 -1.24 10.34 -4.90
C HIS A 42 -1.12 8.85 -4.58
N GLN A 43 -2.24 8.15 -4.52
CA GLN A 43 -2.18 6.72 -4.25
C GLN A 43 -1.53 5.96 -5.41
N GLU A 44 -1.78 6.36 -6.66
CA GLU A 44 -1.08 5.74 -7.79
C GLU A 44 0.43 5.90 -7.67
N ILE A 45 0.88 7.10 -7.28
CA ILE A 45 2.31 7.36 -7.09
C ILE A 45 2.87 6.48 -5.98
N SER A 46 2.22 6.48 -4.82
CA SER A 46 2.60 5.60 -3.73
C SER A 46 2.65 4.15 -4.18
N GLY A 47 1.63 3.69 -4.91
CA GLY A 47 1.64 2.32 -5.37
C GLY A 47 2.78 2.03 -6.33
N ASN A 48 3.10 2.98 -7.19
CA ASN A 48 4.18 2.79 -8.13
C ASN A 48 5.50 2.64 -7.40
N LEU A 49 5.75 3.49 -6.41
CA LEU A 49 6.96 3.34 -5.60
C LEU A 49 6.96 2.04 -4.82
N PHE A 50 5.82 1.68 -4.22
CA PHE A 50 5.77 0.43 -3.49
C PHE A 50 6.01 -0.77 -4.39
N ARG A 51 5.43 -0.77 -5.59
CA ARG A 51 5.65 -1.87 -6.53
C ARG A 51 7.13 -2.06 -6.83
N ILE A 52 7.83 -0.98 -7.14
CA ILE A 52 9.23 -1.07 -7.53
C ILE A 52 10.09 -1.55 -6.37
N ILE A 53 9.91 -0.96 -5.18
CA ILE A 53 10.75 -1.32 -4.03
C ILE A 53 10.41 -2.71 -3.54
N SER A 54 9.12 -3.03 -3.43
CA SER A 54 8.75 -4.34 -2.92
C SER A 54 9.17 -5.46 -3.87
N THR A 55 9.08 -5.24 -5.19
CA THR A 55 9.58 -6.24 -6.13
C THR A 55 11.07 -6.46 -5.96
N PHE A 56 11.82 -5.37 -5.78
CA PHE A 56 13.26 -5.51 -5.56
C PHE A 56 13.56 -6.35 -4.31
N LEU A 57 12.84 -6.08 -3.23
CA LEU A 57 13.14 -6.79 -1.98
C LEU A 57 12.70 -8.25 -2.03
N HIS A 58 11.71 -8.57 -2.87
CA HIS A 58 11.26 -9.95 -3.03
C HIS A 58 12.27 -10.75 -3.83
N GLY A 59 12.88 -10.11 -4.82
CA GLY A 59 13.91 -10.74 -5.64
C GLY A 59 15.29 -10.75 -5.03
N ASN A 60 15.52 -9.99 -3.97
CA ASN A 60 16.79 -9.96 -3.25
C ASN A 60 16.51 -10.20 -1.78
N PRO A 61 16.13 -11.43 -1.42
CA PRO A 61 15.80 -11.70 -0.02
C PRO A 61 16.95 -11.34 0.90
N GLY A 62 16.61 -11.05 2.16
CA GLY A 62 17.62 -10.61 3.10
C GLY A 62 18.04 -9.17 2.95
N SER A 63 17.23 -8.35 2.26
CA SER A 63 17.54 -6.94 2.06
C SER A 63 16.63 -6.00 2.84
N GLY A 64 15.71 -6.51 3.63
CA GLY A 64 14.80 -5.69 4.43
C GLY A 64 13.35 -5.85 4.00
N LYS A 65 12.49 -5.01 4.59
CA LYS A 65 11.05 -5.01 4.30
C LYS A 65 10.56 -3.59 4.05
N VAL A 66 9.56 -3.46 3.18
CA VAL A 66 8.93 -2.19 2.88
C VAL A 66 7.45 -2.27 3.24
N PHE A 67 6.97 -1.21 3.88
CA PHE A 67 5.58 -1.06 4.30
C PHE A 67 4.96 0.20 3.68
N SER A 68 3.68 0.11 3.34
CA SER A 68 2.92 1.26 2.89
C SER A 68 1.92 1.68 3.96
N ALA A 69 1.47 2.94 3.85
CA ALA A 69 0.42 3.42 4.72
C ALA A 69 -0.81 2.54 4.56
N PRO A 70 -1.54 2.28 5.64
CA PRO A 70 -1.31 2.79 6.98
C PRO A 70 -0.42 1.86 7.81
N THR A 71 0.77 2.33 8.18
CA THR A 71 1.66 1.60 9.06
C THR A 71 2.15 2.58 10.12
N ASP A 72 1.92 2.25 11.39
CA ASP A 72 2.30 3.19 12.43
C ASP A 72 3.78 3.08 12.72
N VAL A 73 4.43 4.23 12.85
CA VAL A 73 5.84 4.35 13.20
C VAL A 73 5.95 5.23 14.43
N ILE A 74 6.43 4.66 15.54
CA ILE A 74 6.51 5.35 16.82
C ILE A 74 7.93 5.89 17.00
N LEU A 75 8.08 7.20 16.90
CA LEU A 75 9.37 7.87 17.02
C LEU A 75 9.64 8.38 18.43
N SER A 76 8.63 8.39 19.31
CA SER A 76 8.78 8.85 20.68
C SER A 76 7.56 8.39 21.47
N HIS A 77 7.79 7.95 22.71
CA HIS A 77 6.68 7.54 23.57
C HIS A 77 6.30 8.59 24.61
N ASP A 78 7.23 9.47 24.98
CA ASP A 78 6.91 10.59 25.86
C ASP A 78 7.68 11.83 25.43
N PRO A 79 7.01 12.81 24.80
CA PRO A 79 5.59 12.85 24.43
C PRO A 79 5.34 12.02 23.18
N LEU A 80 4.15 11.42 23.05
CA LEU A 80 3.88 10.49 21.97
C LEU A 80 3.95 11.22 20.63
N ARG A 81 4.72 10.67 19.70
CA ARG A 81 4.86 11.21 18.36
C ARG A 81 4.84 10.02 17.40
N ALA A 82 3.70 9.83 16.73
CA ALA A 82 3.45 8.68 15.89
C ALA A 82 3.07 9.16 14.50
N VAL A 83 3.76 8.65 13.48
CA VAL A 83 3.53 9.10 12.11
C VAL A 83 3.07 7.90 11.27
N GLU A 84 2.44 8.20 10.13
CA GLU A 84 2.02 7.22 9.16
C GLU A 84 2.60 7.67 7.85
N PRO A 85 3.86 7.33 7.56
CA PRO A 85 4.47 7.72 6.31
C PRO A 85 3.87 6.93 5.15
N ASP A 86 3.92 7.53 3.96
CA ASP A 86 3.39 6.84 2.79
C ASP A 86 4.13 5.55 2.52
N LEU A 87 5.44 5.53 2.73
CA LEU A 87 6.19 4.30 2.66
C LEU A 87 7.27 4.33 3.73
N VAL A 88 7.56 3.15 4.26
CA VAL A 88 8.53 2.92 5.33
C VAL A 88 9.42 1.76 4.90
N PHE A 89 10.74 1.94 4.89
CA PHE A 89 11.66 0.84 4.63
C PHE A 89 12.51 0.56 5.85
N VAL A 90 12.59 -0.73 6.20
CA VAL A 90 13.36 -1.23 7.33
C VAL A 90 14.42 -2.19 6.77
N SER A 91 15.70 -1.91 7.05
CA SER A 91 16.77 -2.79 6.61
C SER A 91 16.77 -4.10 7.42
N LYS A 92 17.50 -5.09 6.90
CA LYS A 92 17.49 -6.42 7.50
C LYS A 92 17.98 -6.38 8.94
N ASP A 93 19.02 -5.59 9.20
N ASP A 93 19.03 -5.61 9.21
CA ASP A 93 19.57 -5.48 10.55
CA ASP A 93 19.59 -5.49 10.54
C ASP A 93 18.60 -4.81 11.50
C ASP A 93 18.75 -4.62 11.47
N ARG A 94 17.63 -4.05 11.00
N ARG A 94 17.61 -4.11 10.98
CA ARG A 94 16.68 -3.31 11.82
CA ARG A 94 16.69 -3.33 11.79
C ARG A 94 15.31 -3.97 11.89
C ARG A 94 15.32 -3.98 11.90
N LEU A 95 15.19 -5.24 11.48
CA LEU A 95 13.87 -5.86 11.48
C LEU A 95 13.31 -6.10 12.88
N SER A 96 14.13 -5.94 13.92
CA SER A 96 13.62 -6.03 15.28
C SER A 96 12.79 -4.81 15.68
N LEU A 97 12.88 -3.71 14.91
CA LEU A 97 11.99 -2.59 15.15
C LEU A 97 10.54 -2.94 14.91
N ILE A 98 10.27 -4.00 14.15
CA ILE A 98 8.92 -4.30 13.71
C ILE A 98 8.25 -5.14 14.79
N GLY A 99 7.35 -4.54 15.56
CA GLY A 99 6.58 -5.23 16.56
C GLY A 99 5.27 -5.74 16.00
N GLU A 100 4.48 -6.37 16.87
CA GLU A 100 3.22 -6.94 16.39
C GLU A 100 2.28 -5.87 15.87
N LYS A 101 2.28 -4.69 16.48
CA LYS A 101 1.30 -3.64 16.17
C LYS A 101 1.86 -2.49 15.33
N ASN A 102 3.14 -2.17 15.49
CA ASN A 102 3.68 -0.96 14.88
C ASN A 102 5.19 -1.10 14.82
N ILE A 103 5.83 -0.13 14.19
CA ILE A 103 7.28 -0.07 14.11
C ILE A 103 7.74 0.92 15.17
N GLU A 104 8.59 0.47 16.09
CA GLU A 104 9.09 1.28 17.19
C GLU A 104 10.53 1.68 16.89
N GLY A 105 10.74 2.94 16.59
CA GLY A 105 12.07 3.46 16.30
C GLY A 105 12.16 3.97 14.87
N ALA A 106 13.29 4.65 14.61
CA ALA A 106 13.51 5.29 13.32
C ALA A 106 13.83 4.26 12.25
N PRO A 107 12.99 4.11 11.22
CA PRO A 107 13.31 3.22 10.11
C PRO A 107 14.42 3.80 9.27
N ASP A 108 14.94 2.99 8.33
CA ASP A 108 16.05 3.44 7.50
C ASP A 108 15.60 4.46 6.46
N LEU A 109 14.42 4.28 5.87
CA LEU A 109 13.89 5.18 4.84
C LEU A 109 12.44 5.51 5.15
N LEU A 110 12.12 6.81 5.12
CA LEU A 110 10.73 7.26 5.20
C LEU A 110 10.41 8.08 3.97
N VAL A 111 9.27 7.80 3.35
CA VAL A 111 8.80 8.41 2.12
C VAL A 111 7.52 9.14 2.47
N GLU A 112 7.50 10.47 2.25
CA GLU A 112 6.29 11.28 2.39
C GLU A 112 5.90 11.85 1.05
N ILE A 113 4.63 11.74 0.70
CA ILE A 113 4.11 12.30 -0.54
C ILE A 113 3.32 13.54 -0.19
N LEU A 114 3.69 14.68 -0.76
CA LEU A 114 2.99 15.93 -0.46
C LEU A 114 1.53 15.86 -0.92
N SER A 115 0.62 16.18 -0.02
CA SER A 115 -0.79 16.33 -0.31
C SER A 115 -1.13 17.81 -0.42
N GLU A 116 -2.26 18.10 -1.07
CA GLU A 116 -2.63 19.50 -1.28
C GLU A 116 -3.03 20.19 0.02
N GLY A 117 -3.50 19.42 1.01
CA GLY A 117 -3.96 20.01 2.25
C GLY A 117 -2.94 20.17 3.36
N THR A 118 -1.66 19.89 3.11
CA THR A 118 -0.65 19.93 4.15
C THR A 118 -0.29 21.38 4.48
N GLU A 119 -0.17 21.68 5.78
CA GLU A 119 0.17 23.01 6.22
C GLU A 119 1.69 23.16 6.37
N LYS A 120 2.15 24.41 6.44
CA LYS A 120 3.60 24.62 6.49
C LYS A 120 4.20 24.04 7.76
N ARG A 121 3.53 24.24 8.90
CA ARG A 121 4.01 23.68 10.16
C ARG A 121 4.02 22.17 10.15
N ASP A 122 3.13 21.54 9.39
CA ASP A 122 3.12 20.07 9.33
C ASP A 122 4.36 19.57 8.57
N ARG A 123 4.67 20.18 7.42
N ARG A 123 4.68 20.18 7.43
CA ARG A 123 5.88 19.83 6.69
CA ARG A 123 5.88 19.80 6.70
C ARG A 123 7.13 20.12 7.51
C ARG A 123 7.13 20.13 7.51
N ARG A 124 7.15 21.28 8.18
CA ARG A 124 8.30 21.67 8.97
C ARG A 124 8.52 20.73 10.15
N GLU A 125 7.42 20.31 10.79
CA GLU A 125 7.57 19.54 12.01
C GLU A 125 7.87 18.08 11.74
N LYS A 126 7.43 17.55 10.60
CA LYS A 126 7.82 16.19 10.21
C LYS A 126 9.28 16.14 9.83
N PHE A 127 9.78 17.13 9.09
CA PHE A 127 11.20 17.19 8.77
C PHE A 127 12.03 17.26 10.03
N ALA A 128 11.67 18.17 10.94
CA ALA A 128 12.36 18.29 12.21
C ALA A 128 12.28 16.99 13.00
N LEU A 129 11.11 16.34 13.01
CA LEU A 129 10.95 15.11 13.78
C LEU A 129 11.78 13.97 13.21
N TYR A 130 11.86 13.86 11.88
CA TYR A 130 12.66 12.78 11.33
C TYR A 130 14.14 13.06 11.50
N GLU A 131 14.53 14.33 11.48
CA GLU A 131 15.93 14.67 11.62
C GLU A 131 16.43 14.42 13.04
N ARG A 132 15.64 14.78 14.05
CA ARG A 132 16.12 14.60 15.41
C ARG A 132 16.03 13.15 15.86
N SER A 133 15.10 12.38 15.29
CA SER A 133 15.01 10.94 15.52
C SER A 133 16.10 10.16 14.81
N GLY A 134 16.86 10.80 13.93
CA GLY A 134 17.92 10.11 13.23
C GLY A 134 17.50 9.18 12.12
N VAL A 135 16.38 9.43 11.46
CA VAL A 135 15.98 8.68 10.27
C VAL A 135 17.04 8.87 9.18
N PRO A 136 17.73 7.81 8.75
CA PRO A 136 18.88 8.00 7.84
C PRO A 136 18.55 8.62 6.49
N GLU A 137 17.41 8.28 5.88
CA GLU A 137 17.09 8.84 4.57
C GLU A 137 15.61 9.21 4.56
N TYR A 138 15.31 10.38 4.01
CA TYR A 138 13.96 10.92 4.00
C TYR A 138 13.67 11.41 2.59
N TRP A 139 12.66 10.84 1.93
CA TRP A 139 12.23 11.28 0.61
C TRP A 139 10.96 12.11 0.75
N ILE A 140 10.97 13.29 0.16
CA ILE A 140 9.76 14.06 -0.06
C ILE A 140 9.43 13.99 -1.55
N VAL A 141 8.26 13.44 -1.85
CA VAL A 141 7.80 13.21 -3.21
C VAL A 141 6.78 14.28 -3.50
N ASP A 142 7.01 15.08 -4.55
CA ASP A 142 6.08 16.14 -4.95
C ASP A 142 5.34 15.73 -6.21
N PRO A 143 4.06 15.36 -6.12
CA PRO A 143 3.30 15.03 -7.34
C PRO A 143 3.05 16.22 -8.25
N ASP A 144 3.06 17.44 -7.69
CA ASP A 144 2.77 18.66 -8.44
C ASP A 144 3.88 19.05 -9.39
N THR A 145 5.12 18.67 -9.09
CA THR A 145 6.26 18.96 -9.95
C THR A 145 6.96 17.69 -10.45
N ASN A 146 6.42 16.50 -10.15
CA ASN A 146 7.02 15.23 -10.56
C ASN A 146 8.48 15.17 -10.13
N THR A 147 8.76 15.50 -8.87
CA THR A 147 10.13 15.50 -8.37
C THR A 147 10.20 14.82 -7.00
N VAL A 148 11.39 14.33 -6.67
CA VAL A 148 11.66 13.80 -5.34
C VAL A 148 12.85 14.53 -4.79
N GLN A 149 12.76 14.95 -3.53
CA GLN A 149 13.86 15.53 -2.76
C GLN A 149 14.34 14.51 -1.74
N VAL A 150 15.65 14.29 -1.70
CA VAL A 150 16.24 13.21 -0.93
C VAL A 150 17.18 13.82 0.09
N PHE A 151 16.84 13.67 1.37
CA PHE A 151 17.71 14.07 2.48
C PHE A 151 18.38 12.83 3.08
N ARG A 152 19.69 12.89 3.24
CA ARG A 152 20.39 11.82 3.94
C ARG A 152 21.08 12.39 5.16
N LEU A 153 20.98 11.66 6.28
CA LEU A 153 21.55 12.11 7.54
C LEU A 153 23.06 12.01 7.52
N SER A 154 23.74 13.05 7.99
CA SER A 154 25.19 13.07 8.16
C SER A 154 25.47 13.75 9.49
N GLY A 155 26.05 13.03 10.42
CA GLY A 155 26.18 13.57 11.76
C GLY A 155 24.83 13.62 12.42
N ASN A 156 24.44 14.80 12.89
CA ASN A 156 23.14 14.99 13.53
C ASN A 156 22.11 15.66 12.62
N THR A 157 22.47 15.98 11.38
CA THR A 157 21.65 16.83 10.55
C THR A 157 21.60 16.29 9.12
N TYR A 158 20.49 16.59 8.44
CA TYR A 158 20.38 16.24 7.04
C TYR A 158 21.27 17.12 6.20
N GLN A 159 21.86 16.55 5.16
CA GLN A 159 22.64 17.32 4.20
C GLN A 159 21.69 18.11 3.29
N SER A 160 22.25 18.93 2.41
CA SER A 160 21.43 19.58 1.41
C SER A 160 20.71 18.51 0.57
N PRO A 161 19.49 18.79 0.10
CA PRO A 161 18.72 17.74 -0.57
C PRO A 161 19.23 17.50 -1.98
N ALA A 162 19.13 16.26 -2.42
CA ALA A 162 19.38 15.90 -3.82
C ALA A 162 18.04 15.85 -4.54
N GLU A 163 17.94 16.55 -5.66
CA GLU A 163 16.68 16.67 -6.37
C GLU A 163 16.67 15.78 -7.61
N PHE A 164 15.67 14.92 -7.70
CA PHE A 164 15.47 14.02 -8.83
C PHE A 164 14.24 14.48 -9.59
N ARG A 165 14.34 14.55 -10.92
CA ARG A 165 13.24 14.92 -11.78
C ARG A 165 12.65 13.69 -12.44
N ARG A 166 11.54 13.90 -13.16
CA ARG A 166 10.83 12.76 -13.73
C ARG A 166 11.70 11.94 -14.65
N GLN A 167 12.63 12.60 -15.36
CA GLN A 167 13.49 11.93 -16.34
C GLN A 167 14.70 11.26 -15.71
N ASP A 168 14.83 11.28 -14.38
CA ASP A 168 15.98 10.72 -13.70
C ASP A 168 15.67 9.36 -13.09
N VAL A 169 16.72 8.69 -12.66
CA VAL A 169 16.63 7.44 -11.92
C VAL A 169 16.86 7.74 -10.44
N LEU A 170 15.88 7.42 -9.61
CA LEU A 170 16.01 7.56 -8.18
C LEU A 170 16.63 6.30 -7.60
N ALA A 171 17.61 6.47 -6.73
CA ALA A 171 18.22 5.33 -6.06
C ALA A 171 18.80 5.78 -4.73
N SER A 172 19.04 4.81 -3.87
CA SER A 172 19.52 5.04 -2.51
C SER A 172 20.58 4.01 -2.12
N PRO A 173 21.66 4.41 -1.45
CA PRO A 173 22.63 3.42 -0.98
C PRO A 173 22.04 2.40 -0.02
N LEU A 174 20.84 2.67 0.53
CA LEU A 174 20.16 1.67 1.35
C LEU A 174 19.69 0.49 0.52
N LEU A 175 19.59 0.66 -0.79
CA LEU A 175 19.05 -0.34 -1.69
C LEU A 175 20.00 -0.39 -2.87
N PRO A 176 21.24 -0.85 -2.69
N PRO A 176 21.20 -0.99 -2.71
CA PRO A 176 22.17 -0.91 -3.82
CA PRO A 176 22.27 -0.85 -3.71
C PRO A 176 21.66 -1.88 -4.88
C PRO A 176 21.87 -0.99 -5.18
N GLY A 177 21.67 -1.42 -6.13
N GLY A 177 21.34 -2.15 -5.57
CA GLY A 177 21.24 -2.23 -7.24
CA GLY A 177 21.13 -2.44 -6.97
C GLY A 177 19.84 -1.96 -7.70
C GLY A 177 19.71 -2.21 -7.45
N LEU A 178 19.10 -1.13 -6.99
CA LEU A 178 17.72 -0.82 -7.33
C LEU A 178 17.68 0.51 -8.07
N SER A 179 17.16 0.47 -9.29
CA SER A 179 16.87 1.66 -10.09
C SER A 179 15.38 1.95 -9.99
N ILE A 180 15.03 3.16 -9.58
CA ILE A 180 13.65 3.59 -9.58
C ILE A 180 13.46 4.66 -10.67
N PRO A 181 13.08 4.29 -11.89
CA PRO A 181 12.87 5.32 -12.93
C PRO A 181 11.61 6.12 -12.62
N LEU A 182 11.79 7.42 -12.45
CA LEU A 182 10.66 8.21 -12.01
C LEU A 182 9.60 8.42 -13.08
N SER A 183 9.85 7.97 -14.33
CA SER A 183 8.78 7.96 -15.33
C SER A 183 7.78 6.84 -15.08
N GLU A 184 8.16 5.85 -14.28
CA GLU A 184 7.23 4.81 -13.82
C GLU A 184 6.60 5.16 -12.48
N VAL A 185 7.00 6.25 -11.86
CA VAL A 185 6.44 6.67 -10.57
C VAL A 185 5.38 7.75 -10.76
N PHE A 186 5.69 8.77 -11.56
CA PHE A 186 4.75 9.86 -11.80
C PHE A 186 3.97 9.58 -13.08
N PRO A 187 2.67 9.34 -13.00
CA PRO A 187 1.87 9.11 -14.21
C PRO A 187 1.83 10.33 -15.11
N SER A 188 1.87 10.07 -16.41
CA SER A 188 1.74 11.09 -17.44
C SER A 188 0.40 11.82 -17.42
N PRO B 36 -6.00 2.87 15.91
CA PRO B 36 -4.65 2.53 15.47
C PRO B 36 -4.66 1.94 14.06
N ALA B 37 -3.48 1.94 13.43
CA ALA B 37 -3.33 1.29 12.13
C ALA B 37 -3.49 -0.22 12.30
N PRO B 38 -3.72 -0.96 11.20
CA PRO B 38 -3.67 -2.41 11.31
C PRO B 38 -2.30 -2.85 11.81
N ASN B 39 -2.23 -4.10 12.25
CA ASN B 39 -0.97 -4.59 12.75
C ASN B 39 -0.01 -4.81 11.60
N THR B 40 1.24 -5.08 11.93
CA THR B 40 2.28 -5.11 10.90
C THR B 40 2.15 -6.29 9.96
N ARG B 41 1.72 -7.44 10.47
CA ARG B 41 1.54 -8.59 9.58
C ARG B 41 0.37 -8.39 8.62
N HIS B 42 -0.71 -7.77 9.10
N HIS B 42 -0.68 -7.70 9.05
CA HIS B 42 -1.78 -7.33 8.21
CA HIS B 42 -1.76 -7.39 8.12
C HIS B 42 -1.23 -6.50 7.06
C HIS B 42 -1.29 -6.42 7.04
N GLN B 43 -0.36 -5.52 7.36
CA GLN B 43 0.20 -4.66 6.32
C GLN B 43 1.18 -5.40 5.41
N GLU B 44 1.91 -6.41 5.91
CA GLU B 44 2.80 -7.18 5.04
C GLU B 44 2.00 -8.06 4.10
N ILE B 45 0.90 -8.64 4.59
CA ILE B 45 -0.02 -9.40 3.73
C ILE B 45 -0.59 -8.51 2.64
N SER B 46 -1.04 -7.32 3.03
CA SER B 46 -1.55 -6.35 2.07
C SER B 46 -0.51 -5.97 1.03
N GLY B 47 0.73 -5.72 1.44
CA GLY B 47 1.73 -5.33 0.47
C GLY B 47 2.19 -6.47 -0.41
N ASN B 48 2.20 -7.69 0.12
CA ASN B 48 2.41 -8.87 -0.72
C ASN B 48 1.36 -8.92 -1.82
N LEU B 49 0.09 -8.86 -1.44
CA LEU B 49 -0.98 -8.88 -2.42
C LEU B 49 -0.86 -7.76 -3.42
N PHE B 50 -0.65 -6.53 -2.95
CA PHE B 50 -0.50 -5.42 -3.87
C PHE B 50 0.69 -5.64 -4.79
N ARG B 51 1.80 -6.12 -4.25
CA ARG B 51 3.00 -6.34 -5.07
C ARG B 51 2.71 -7.29 -6.23
N ILE B 52 2.05 -8.42 -5.95
CA ILE B 52 1.82 -9.40 -7.01
C ILE B 52 0.84 -8.85 -8.04
N ILE B 53 -0.25 -8.22 -7.60
CA ILE B 53 -1.27 -7.76 -8.56
C ILE B 53 -0.73 -6.58 -9.36
N SER B 54 -0.02 -5.65 -8.72
CA SER B 54 0.48 -4.48 -9.44
C SER B 54 1.57 -4.85 -10.43
N THR B 55 2.48 -5.77 -10.06
CA THR B 55 3.48 -6.26 -11.00
C THR B 55 2.83 -6.83 -12.25
N PHE B 56 1.78 -7.62 -12.06
CA PHE B 56 1.08 -8.24 -13.20
C PHE B 56 0.45 -7.19 -14.09
N LEU B 57 -0.25 -6.22 -13.49
CA LEU B 57 -0.89 -5.16 -14.29
C LEU B 57 0.15 -4.31 -15.02
N HIS B 58 1.33 -4.12 -14.43
CA HIS B 58 2.32 -3.25 -15.05
C HIS B 58 2.94 -3.91 -16.29
N GLY B 59 3.18 -5.23 -16.22
CA GLY B 59 3.70 -5.99 -17.34
C GLY B 59 2.69 -6.28 -18.43
N ASN B 60 1.41 -6.05 -18.15
CA ASN B 60 0.32 -6.26 -19.11
C ASN B 60 -0.50 -4.99 -19.17
N PRO B 61 0.03 -3.93 -19.79
CA PRO B 61 -0.69 -2.64 -19.83
C PRO B 61 -2.06 -2.79 -20.49
N GLY B 62 -2.99 -1.96 -20.03
CA GLY B 62 -4.36 -2.03 -20.50
C GLY B 62 -5.24 -3.01 -19.78
N SER B 63 -4.82 -3.50 -18.61
CA SER B 63 -5.57 -4.49 -17.87
C SER B 63 -6.27 -3.90 -16.64
N GLY B 64 -6.13 -2.60 -16.40
CA GLY B 64 -6.73 -1.92 -15.26
C GLY B 64 -5.68 -1.38 -14.31
N LYS B 65 -6.15 -0.93 -13.13
CA LYS B 65 -5.30 -0.40 -12.08
C LYS B 65 -5.69 -0.99 -10.73
N VAL B 66 -4.71 -1.11 -9.85
CA VAL B 66 -4.94 -1.53 -8.48
C VAL B 66 -4.48 -0.41 -7.54
N PHE B 67 -5.27 -0.19 -6.48
CA PHE B 67 -4.96 0.76 -5.42
C PHE B 67 -4.93 0.05 -4.09
N SER B 68 -4.11 0.53 -3.15
CA SER B 68 -4.15 0.03 -1.78
C SER B 68 -4.73 1.09 -0.86
N ALA B 69 -5.18 0.64 0.32
CA ALA B 69 -5.63 1.58 1.35
C ALA B 69 -4.50 2.54 1.68
N PRO B 70 -4.80 3.80 1.97
CA PRO B 70 -6.09 4.43 2.01
C PRO B 70 -6.50 4.93 0.62
N THR B 71 -7.57 4.34 0.11
CA THR B 71 -8.25 4.77 -1.12
C THR B 71 -9.72 4.69 -0.81
N ASP B 72 -10.44 5.80 -0.94
CA ASP B 72 -11.87 5.84 -0.61
C ASP B 72 -12.67 5.33 -1.80
N VAL B 73 -13.67 4.49 -1.51
CA VAL B 73 -14.61 3.98 -2.50
C VAL B 73 -15.99 4.44 -2.07
N ILE B 74 -16.60 5.31 -2.87
CA ILE B 74 -17.95 5.82 -2.60
C ILE B 74 -18.94 4.89 -3.27
N LEU B 75 -19.66 4.09 -2.48
CA LEU B 75 -20.67 3.23 -3.08
C LEU B 75 -22.02 3.92 -3.16
N SER B 76 -22.29 4.90 -2.30
CA SER B 76 -23.49 5.72 -2.39
C SER B 76 -23.28 6.98 -1.57
N HIS B 77 -23.88 8.09 -2.02
CA HIS B 77 -23.72 9.34 -1.28
C HIS B 77 -24.80 9.54 -0.22
N ASP B 78 -25.96 8.94 -0.41
CA ASP B 78 -27.06 9.19 0.52
C ASP B 78 -27.95 7.96 0.67
N PRO B 79 -27.94 7.29 1.84
CA PRO B 79 -27.12 7.55 3.03
C PRO B 79 -25.66 7.19 2.78
N LEU B 80 -24.73 8.01 3.26
CA LEU B 80 -23.34 7.89 2.85
C LEU B 80 -22.76 6.52 3.20
N ARG B 81 -22.20 5.86 2.19
CA ARG B 81 -21.50 4.57 2.33
C ARG B 81 -20.14 4.74 1.66
N ALA B 82 -19.16 5.20 2.41
CA ALA B 82 -17.78 5.28 1.94
C ALA B 82 -16.96 4.25 2.69
N VAL B 83 -16.31 3.36 1.94
CA VAL B 83 -15.53 2.26 2.51
C VAL B 83 -14.06 2.47 2.16
N GLU B 84 -13.20 1.83 2.95
CA GLU B 84 -11.76 1.92 2.74
C GLU B 84 -11.18 0.50 2.67
N PRO B 85 -11.45 -0.19 1.56
CA PRO B 85 -10.88 -1.54 1.42
C PRO B 85 -9.36 -1.50 1.44
N ASP B 86 -8.76 -2.68 1.71
CA ASP B 86 -7.30 -2.81 1.71
C ASP B 86 -6.73 -2.79 0.29
N LEU B 87 -7.45 -3.39 -0.65
CA LEU B 87 -7.06 -3.35 -2.05
C LEU B 87 -8.31 -3.21 -2.91
N VAL B 88 -8.16 -2.46 -4.01
CA VAL B 88 -9.23 -2.10 -4.93
C VAL B 88 -8.68 -2.25 -6.35
N PHE B 89 -9.36 -3.02 -7.18
CA PHE B 89 -8.95 -3.20 -8.56
C PHE B 89 -10.04 -2.69 -9.48
N VAL B 90 -9.67 -1.83 -10.42
CA VAL B 90 -10.59 -1.27 -11.42
C VAL B 90 -10.17 -1.73 -12.80
N SER B 91 -11.07 -2.39 -13.52
CA SER B 91 -10.76 -2.88 -14.86
C SER B 91 -10.62 -1.72 -15.85
N LYS B 92 -10.02 -2.02 -17.01
CA LYS B 92 -9.74 -1.00 -17.99
C LYS B 92 -11.00 -0.25 -18.40
N ASP B 93 -12.10 -0.96 -18.63
CA ASP B 93 -13.34 -0.36 -19.08
C ASP B 93 -14.07 0.37 -17.96
N ARG B 94 -13.53 0.36 -16.75
CA ARG B 94 -14.13 1.06 -15.61
C ARG B 94 -13.25 2.18 -15.10
N LEU B 95 -12.14 2.50 -15.80
CA LEU B 95 -11.23 3.53 -15.30
C LEU B 95 -11.94 4.84 -15.00
N SER B 96 -13.05 5.13 -15.68
CA SER B 96 -13.77 6.38 -15.47
C SER B 96 -14.32 6.49 -14.06
N LEU B 97 -14.38 5.38 -13.31
CA LEU B 97 -14.80 5.44 -11.91
C LEU B 97 -13.79 6.19 -11.06
N ILE B 98 -12.52 6.17 -11.46
CA ILE B 98 -11.44 6.79 -10.72
C ILE B 98 -11.58 8.31 -10.87
N GLY B 99 -12.07 8.98 -9.84
CA GLY B 99 -12.14 10.42 -9.81
C GLY B 99 -10.85 11.04 -9.31
N GLU B 100 -10.84 12.37 -9.27
CA GLU B 100 -9.68 13.07 -8.74
C GLU B 100 -9.42 12.69 -7.28
N LYS B 101 -10.47 12.62 -6.48
CA LYS B 101 -10.33 12.43 -5.04
C LYS B 101 -10.57 10.99 -4.60
N ASN B 102 -11.54 10.30 -5.17
CA ASN B 102 -11.85 8.94 -4.73
C ASN B 102 -12.42 8.14 -5.90
N ILE B 103 -12.71 6.88 -5.62
CA ILE B 103 -13.32 5.96 -6.59
C ILE B 103 -14.83 5.99 -6.38
N GLU B 104 -15.56 6.25 -7.45
CA GLU B 104 -16.97 6.62 -7.42
C GLU B 104 -17.76 5.51 -8.11
N GLY B 105 -18.25 4.57 -7.32
CA GLY B 105 -18.97 3.42 -7.82
C GLY B 105 -18.31 2.13 -7.39
N ALA B 106 -18.90 1.02 -7.81
CA ALA B 106 -18.48 -0.30 -7.40
C ALA B 106 -17.28 -0.77 -8.23
N PRO B 107 -16.10 -0.95 -7.64
CA PRO B 107 -14.97 -1.47 -8.43
C PRO B 107 -15.18 -2.94 -8.73
N ASP B 108 -14.26 -3.47 -9.55
CA ASP B 108 -14.36 -4.83 -10.05
C ASP B 108 -14.00 -5.85 -8.97
N LEU B 109 -12.98 -5.55 -8.18
CA LEU B 109 -12.56 -6.44 -7.10
C LEU B 109 -12.29 -5.59 -5.87
N LEU B 110 -12.89 -5.96 -4.74
CA LEU B 110 -12.51 -5.38 -3.46
C LEU B 110 -11.92 -6.47 -2.59
N VAL B 111 -10.86 -6.12 -1.84
CA VAL B 111 -10.17 -7.06 -0.95
C VAL B 111 -10.27 -6.52 0.46
N GLU B 112 -10.74 -7.35 1.38
CA GLU B 112 -10.80 -7.00 2.79
C GLU B 112 -9.92 -7.95 3.58
N ILE B 113 -9.06 -7.41 4.44
CA ILE B 113 -8.20 -8.20 5.32
C ILE B 113 -8.75 -8.08 6.74
N LEU B 114 -9.15 -9.21 7.32
CA LEU B 114 -9.77 -9.17 8.63
C LEU B 114 -8.76 -8.74 9.68
N SER B 115 -9.15 -7.81 10.53
CA SER B 115 -8.37 -7.46 11.70
C SER B 115 -8.88 -8.25 12.90
N GLU B 116 -8.14 -8.15 14.00
CA GLU B 116 -8.48 -8.87 15.22
C GLU B 116 -9.76 -8.37 15.87
N GLY B 117 -10.13 -7.11 15.64
CA GLY B 117 -11.32 -6.56 16.24
C GLY B 117 -12.52 -6.51 15.30
N THR B 118 -12.62 -7.48 14.38
CA THR B 118 -13.78 -7.58 13.50
C THR B 118 -14.79 -8.54 14.11
N GLU B 119 -16.02 -8.06 14.27
CA GLU B 119 -17.12 -8.88 14.75
C GLU B 119 -17.93 -9.43 13.58
N LYS B 120 -18.63 -10.53 13.85
CA LYS B 120 -19.43 -11.18 12.82
C LYS B 120 -20.34 -10.19 12.11
N ARG B 121 -20.97 -9.28 12.87
CA ARG B 121 -21.88 -8.33 12.23
C ARG B 121 -21.17 -7.36 11.30
N ASP B 122 -19.91 -7.01 11.60
CA ASP B 122 -19.13 -6.16 10.69
C ASP B 122 -18.81 -6.91 9.39
N ARG B 123 -18.46 -8.20 9.49
CA ARG B 123 -18.25 -9.01 8.29
C ARG B 123 -19.54 -9.14 7.48
N ARG B 124 -20.68 -9.30 8.14
CA ARG B 124 -21.93 -9.47 7.41
C ARG B 124 -22.37 -8.17 6.76
N GLU B 125 -22.17 -7.03 7.43
CA GLU B 125 -22.67 -5.77 6.91
C GLU B 125 -21.80 -5.22 5.78
N LYS B 126 -20.51 -5.60 5.74
CA LYS B 126 -19.68 -5.31 4.57
C LYS B 126 -20.03 -6.23 3.42
N PHE B 127 -20.17 -7.52 3.70
CA PHE B 127 -20.58 -8.47 2.68
C PHE B 127 -21.91 -8.06 2.05
N ALA B 128 -22.85 -7.60 2.88
CA ALA B 128 -24.17 -7.21 2.36
C ALA B 128 -24.08 -5.92 1.55
N LEU B 129 -23.24 -4.98 1.98
CA LEU B 129 -23.10 -3.71 1.26
C LEU B 129 -22.48 -3.94 -0.12
N TYR B 130 -21.44 -4.76 -0.18
CA TYR B 130 -20.80 -5.03 -1.46
C TYR B 130 -21.70 -5.84 -2.38
N GLU B 131 -22.56 -6.70 -1.83
CA GLU B 131 -23.46 -7.48 -2.66
C GLU B 131 -24.52 -6.61 -3.31
N ARG B 132 -25.17 -5.74 -2.51
CA ARG B 132 -26.22 -4.87 -3.04
C ARG B 132 -25.66 -3.77 -3.92
N SER B 133 -24.40 -3.39 -3.74
CA SER B 133 -23.78 -2.46 -4.67
C SER B 133 -23.36 -3.14 -5.98
N GLY B 134 -23.32 -4.47 -6.01
CA GLY B 134 -22.95 -5.18 -7.21
C GLY B 134 -21.45 -5.28 -7.45
N VAL B 135 -20.65 -5.28 -6.40
CA VAL B 135 -19.21 -5.50 -6.57
C VAL B 135 -19.03 -6.89 -7.15
N PRO B 136 -18.42 -7.03 -8.33
CA PRO B 136 -18.39 -8.34 -8.99
C PRO B 136 -17.60 -9.40 -8.28
N GLU B 137 -16.53 -9.04 -7.55
CA GLU B 137 -15.76 -10.04 -6.83
C GLU B 137 -15.24 -9.44 -5.53
N TYR B 138 -15.34 -10.24 -4.47
CA TYR B 138 -15.00 -9.83 -3.10
C TYR B 138 -14.13 -10.91 -2.49
N TRP B 139 -12.91 -10.53 -2.09
CA TRP B 139 -12.01 -11.41 -1.38
C TRP B 139 -11.98 -11.02 0.07
N ILE B 140 -12.26 -11.98 0.94
CA ILE B 140 -12.04 -11.83 2.38
C ILE B 140 -10.76 -12.59 2.74
N VAL B 141 -9.73 -11.85 3.15
CA VAL B 141 -8.45 -12.44 3.53
C VAL B 141 -8.34 -12.49 5.05
N ASP B 142 -8.13 -13.68 5.61
CA ASP B 142 -8.10 -13.88 7.06
C ASP B 142 -6.67 -14.12 7.53
N PRO B 143 -5.97 -13.10 8.05
CA PRO B 143 -4.59 -13.34 8.52
C PRO B 143 -4.49 -14.36 9.62
N ASP B 144 -5.54 -14.54 10.40
CA ASP B 144 -5.44 -15.39 11.57
C ASP B 144 -5.56 -16.87 11.24
N THR B 145 -6.03 -17.22 10.04
CA THR B 145 -6.04 -18.61 9.62
C THR B 145 -5.33 -18.86 8.29
N ASN B 146 -4.67 -17.86 7.71
CA ASN B 146 -4.00 -17.99 6.42
C ASN B 146 -4.94 -18.55 5.35
N THR B 147 -6.15 -18.00 5.29
CA THR B 147 -7.13 -18.43 4.29
C THR B 147 -7.70 -17.21 3.58
N VAL B 148 -8.24 -17.44 2.39
CA VAL B 148 -8.93 -16.41 1.63
C VAL B 148 -10.25 -16.99 1.14
N GLN B 149 -11.34 -16.30 1.41
CA GLN B 149 -12.65 -16.60 0.86
C GLN B 149 -12.92 -15.72 -0.35
N VAL B 150 -13.33 -16.32 -1.46
CA VAL B 150 -13.64 -15.58 -2.68
C VAL B 150 -15.14 -15.67 -2.89
N PHE B 151 -15.76 -14.53 -3.12
CA PHE B 151 -17.17 -14.47 -3.53
C PHE B 151 -17.25 -13.86 -4.92
N ARG B 152 -18.05 -14.46 -5.79
CA ARG B 152 -18.24 -13.97 -7.15
C ARG B 152 -19.72 -13.73 -7.38
N LEU B 153 -20.05 -12.57 -7.95
CA LEU B 153 -21.44 -12.22 -8.17
C LEU B 153 -21.96 -13.01 -9.36
N SER B 154 -23.13 -13.62 -9.19
CA SER B 154 -23.85 -14.26 -10.28
C SER B 154 -25.29 -13.78 -10.21
N GLY B 155 -25.70 -12.95 -11.16
CA GLY B 155 -26.99 -12.29 -11.09
C GLY B 155 -26.96 -11.15 -10.09
N ASN B 156 -27.76 -11.24 -9.04
CA ASN B 156 -27.84 -10.18 -8.05
C ASN B 156 -27.24 -10.58 -6.70
N THR B 157 -26.75 -11.82 -6.56
CA THR B 157 -26.25 -12.34 -5.29
C THR B 157 -24.90 -13.01 -5.50
N TYR B 158 -24.10 -13.05 -4.43
CA TYR B 158 -22.84 -13.75 -4.47
C TYR B 158 -23.04 -15.26 -4.47
N GLN B 159 -22.24 -15.97 -5.27
N GLN B 159 -22.24 -15.97 -5.27
CA GLN B 159 -22.24 -17.42 -5.20
CA GLN B 159 -22.23 -17.41 -5.21
C GLN B 159 -21.59 -17.88 -3.90
C GLN B 159 -21.64 -17.87 -3.87
N SER B 160 -21.62 -19.18 -3.66
CA SER B 160 -21.03 -19.73 -2.47
C SER B 160 -19.53 -19.46 -2.46
N PRO B 161 -18.94 -19.20 -1.30
CA PRO B 161 -17.53 -18.84 -1.28
C PRO B 161 -16.67 -20.02 -1.68
N ALA B 162 -15.63 -19.74 -2.45
CA ALA B 162 -14.54 -20.67 -2.71
C ALA B 162 -13.40 -20.32 -1.77
N GLU B 163 -12.88 -21.33 -1.07
CA GLU B 163 -11.88 -21.13 -0.04
C GLU B 163 -10.49 -21.52 -0.54
N PHE B 164 -9.52 -20.66 -0.27
CA PHE B 164 -8.13 -20.90 -0.65
C PHE B 164 -7.29 -20.93 0.61
N ARG B 165 -6.53 -22.02 0.81
CA ARG B 165 -5.61 -22.14 1.91
C ARG B 165 -4.22 -21.67 1.47
N ARG B 166 -3.29 -21.59 2.44
CA ARG B 166 -1.99 -21.02 2.14
C ARG B 166 -1.26 -21.78 1.03
N GLN B 167 -1.47 -23.08 0.93
CA GLN B 167 -0.78 -23.88 -0.08
C GLN B 167 -1.47 -23.87 -1.43
N ASP B 168 -2.54 -23.09 -1.58
CA ASP B 168 -3.27 -23.04 -2.85
C ASP B 168 -2.84 -21.82 -3.66
N VAL B 169 -3.20 -21.83 -4.93
CA VAL B 169 -2.92 -20.73 -5.85
C VAL B 169 -4.23 -20.03 -6.15
N LEU B 170 -4.26 -18.72 -5.99
CA LEU B 170 -5.46 -17.92 -6.13
C LEU B 170 -5.48 -17.25 -7.49
N ALA B 171 -6.63 -17.32 -8.15
CA ALA B 171 -6.79 -16.71 -9.45
C ALA B 171 -8.21 -16.19 -9.58
N SER B 172 -8.41 -15.27 -10.52
CA SER B 172 -9.72 -14.72 -10.78
C SER B 172 -9.89 -14.50 -12.28
N PRO B 173 -11.08 -14.76 -12.80
CA PRO B 173 -11.36 -14.39 -14.20
C PRO B 173 -11.23 -12.90 -14.47
N LEU B 174 -11.37 -12.05 -13.43
CA LEU B 174 -11.12 -10.62 -13.60
C LEU B 174 -9.68 -10.33 -13.97
N LEU B 175 -8.73 -11.12 -13.50
CA LEU B 175 -7.32 -10.97 -13.80
C LEU B 175 -6.86 -12.28 -14.48
N PRO B 176 -7.25 -12.49 -15.72
N PRO B 176 -7.32 -12.52 -15.69
CA PRO B 176 -7.06 -13.83 -16.30
CA PRO B 176 -6.86 -13.73 -16.40
C PRO B 176 -5.68 -14.47 -16.09
C PRO B 176 -5.36 -13.64 -16.64
N GLY B 177 -4.60 -13.78 -16.48
N GLY B 177 -4.67 -14.73 -16.32
CA GLY B 177 -3.29 -14.41 -16.52
CA GLY B 177 -3.24 -14.83 -16.46
C GLY B 177 -2.46 -14.26 -15.27
C GLY B 177 -2.48 -14.72 -15.15
N LEU B 178 -3.10 -14.18 -14.11
CA LEU B 178 -2.43 -13.96 -12.84
C LEU B 178 -2.58 -15.18 -11.93
N SER B 179 -1.45 -15.68 -11.44
CA SER B 179 -1.41 -16.71 -10.41
C SER B 179 -0.93 -16.07 -9.13
N ILE B 180 -1.72 -16.21 -8.07
CA ILE B 180 -1.31 -15.69 -6.78
C ILE B 180 -1.04 -16.87 -5.86
N PRO B 181 0.22 -17.28 -5.72
CA PRO B 181 0.57 -18.29 -4.71
C PRO B 181 0.41 -17.71 -3.32
N LEU B 182 -0.50 -18.28 -2.54
CA LEU B 182 -0.75 -17.70 -1.22
C LEU B 182 0.38 -17.97 -0.24
N SER B 183 1.37 -18.79 -0.59
CA SER B 183 2.56 -18.86 0.24
C SER B 183 3.38 -17.58 0.14
N GLU B 184 3.18 -16.80 -0.93
CA GLU B 184 3.76 -15.47 -1.09
C GLU B 184 2.95 -14.37 -0.41
N VAL B 185 1.72 -14.64 0.00
CA VAL B 185 0.83 -13.64 0.59
C VAL B 185 0.91 -13.67 2.11
N PHE B 186 0.83 -14.88 2.67
CA PHE B 186 0.82 -15.08 4.10
C PHE B 186 2.25 -15.35 4.58
N PRO B 187 2.90 -14.41 5.24
CA PRO B 187 4.27 -14.65 5.71
C PRO B 187 4.35 -15.82 6.68
N SER B 188 5.47 -16.53 6.62
CA SER B 188 5.76 -17.70 7.45
C SER B 188 5.83 -17.41 8.95
C FMT C . 1.84 -0.19 -9.87
O1 FMT C . 1.83 0.12 -8.66
O2 FMT C . 2.60 0.20 -10.79
C FMT D . 1.77 3.48 -13.54
O1 FMT D . 1.55 4.67 -13.31
O2 FMT D . 1.87 2.52 -12.77
MG MG E . -1.47 1.52 1.58
CL CL F . 1.82 11.46 10.00
#